data_9DE5
#
_entry.id   9DE5
#
_cell.length_a   68.872
_cell.length_b   40.515
_cell.length_c   120.406
_cell.angle_alpha   90.000
_cell.angle_beta   94.606
_cell.angle_gamma   90.000
#
_symmetry.space_group_name_H-M   'P 1 21 1'
#
loop_
_entity.id
_entity.type
_entity.pdbx_description
1 polymer 'RNA (55-MER)'
2 polymer 'Protein Tat'
3 non-polymer 'POTASSIUM ION'
4 water water
#
loop_
_entity_poly.entity_id
_entity_poly.type
_entity_poly.pdbx_seq_one_letter_code
_entity_poly.pdbx_strand_id
1 'polyribonucleotide' (GTP)GUCUCUCUGGUUAGACCAGAUCUGAGCCGAAAAGCUCUCUGGCUAACUAGGGAACC C,E,B,D
2 'polypeptide(L)' GISYGRKKRRQRRRAHQ A
#
# COMPACT_ATOMS: atom_id res chain seq x y z
N GLY E 1 -3.80 -6.31 -6.61
CA GLY E 1 -3.44 -6.02 -5.24
C GLY E 1 -3.20 -7.26 -4.41
N ILE E 2 -3.17 -8.42 -5.08
CA ILE E 2 -3.04 -9.68 -4.38
C ILE E 2 -1.66 -9.85 -3.75
N SER E 3 -0.68 -9.12 -4.25
CA SER E 3 0.69 -9.20 -3.75
C SER E 3 0.82 -8.43 -2.45
N TYR E 4 1.54 -9.03 -1.49
CA TYR E 4 1.69 -8.41 -0.17
C TYR E 4 2.41 -7.07 -0.26
N GLY E 5 3.32 -6.89 -1.22
CA GLY E 5 4.06 -5.65 -1.30
C GLY E 5 3.20 -4.47 -1.70
N ARG E 6 2.21 -4.70 -2.57
CA ARG E 6 1.31 -3.64 -2.97
C ARG E 6 0.48 -3.16 -1.79
N LYS E 7 0.02 -4.08 -0.94
CA LYS E 7 -0.67 -3.70 0.29
C LYS E 7 0.20 -2.76 1.13
N LYS E 8 1.50 -3.03 1.21
CA LYS E 8 2.40 -2.09 1.89
C LYS E 8 2.42 -0.74 1.19
N ARG E 9 2.46 -0.76 -0.15
CA ARG E 9 2.47 0.49 -0.91
C ARG E 9 1.12 1.19 -0.83
N ARG E 10 0.03 0.44 -0.91
CA ARG E 10 -1.30 1.01 -0.78
C ARG E 10 -1.48 1.65 0.59
N GLN E 11 -0.98 0.99 1.64
CA GLN E 11 -1.03 1.57 2.98
C GLN E 11 -0.09 2.76 3.11
N ARG E 12 1.11 2.65 2.56
CA ARG E 12 2.04 3.77 2.57
C ARG E 12 1.48 4.96 1.78
N ARG E 13 0.84 4.68 0.64
CA ARG E 13 0.29 5.76 -0.17
C ARG E 13 -0.89 6.43 0.53
N ARG E 14 -1.72 5.65 1.22
CA ARG E 14 -2.84 6.23 1.94
C ARG E 14 -2.35 7.09 3.11
N ALA E 15 -1.27 6.67 3.76
CA ALA E 15 -0.77 7.40 4.92
C ALA E 15 -0.22 8.78 4.54
N HIS E 16 0.27 8.93 3.31
CA HIS E 16 0.75 10.23 2.84
C HIS E 16 -0.34 10.95 2.07
N GLN E 17 -1.43 11.24 2.79
CA GLN E 17 -2.60 11.93 2.23
C GLN E 17 -3.19 11.17 1.05
#